data_5EWK
#
_entry.id   5EWK
#
_cell.length_a   87.470
_cell.length_b   61.180
_cell.length_c   38.030
_cell.angle_alpha   90.00
_cell.angle_beta   100.38
_cell.angle_gamma   90.00
#
_symmetry.space_group_name_H-M   'C 1 2 1'
#
loop_
_entity.id
_entity.type
_entity.pdbx_description
1 polymer 'Putative ADP-Ribosyltransferase Scabin'
2 non-polymer N~2~,N~2~-DIMETHYL-N~1~-(6-OXO-5,6-DIHYDROPHENANTHRIDIN-2-YL)GLYCINAMIDE
3 water water
#
_entity_poly.entity_id   1
_entity_poly.type   'polypeptide(L)'
_entity_poly.pdbx_seq_one_letter_code
;MRRRAAAVVLSLSAVLATSAATAPAQTPTATATSAKAAAPACPRFDDPVHAAADPRVDVERITPDPVWRTTCGTLYRSDS
RGPAVVFEQGFLPKDVIDGQYDIESYVLVNQPSPYVSTTYDHDLYKTWYKSGYNYYIDAPGGVDVNKTIGDRHKWADQVE
VAFPGGIRTEFVIGVCPVDKKTRTEKMSECVGNPHYEPWH
;
_entity_poly.pdbx_strand_id   A
#
# COMPACT_ATOMS: atom_id res chain seq x y z
N LYS A 36 -23.13 -19.70 8.05
CA LYS A 36 -21.85 -19.40 7.39
C LYS A 36 -22.02 -19.27 5.87
N ALA A 37 -21.04 -18.62 5.24
CA ALA A 37 -20.96 -18.53 3.78
C ALA A 37 -19.50 -18.40 3.40
N ALA A 38 -19.15 -18.92 2.22
CA ALA A 38 -17.79 -18.82 1.70
C ALA A 38 -17.65 -17.59 0.83
N ALA A 39 -16.49 -16.95 0.88
CA ALA A 39 -16.26 -15.71 0.17
C ALA A 39 -16.24 -15.93 -1.35
N PRO A 40 -16.56 -14.90 -2.13
CA PRO A 40 -16.41 -15.01 -3.59
C PRO A 40 -14.99 -14.66 -4.04
N ALA A 41 -14.71 -14.82 -5.34
CA ALA A 41 -13.45 -14.40 -5.93
C ALA A 41 -13.48 -12.89 -6.21
N CYS A 42 -12.30 -12.31 -6.71
CA CYS A 42 -12.10 -10.87 -6.84
C CYS A 42 -12.29 -10.39 -8.28
N PRO A 43 -12.86 -9.21 -8.51
CA PRO A 43 -12.83 -8.62 -9.85
C PRO A 43 -11.41 -8.31 -10.28
N ARG A 44 -11.15 -8.46 -11.57
CA ARG A 44 -9.83 -8.17 -12.13
C ARG A 44 -9.95 -7.08 -13.18
N PHE A 45 -9.22 -5.98 -12.97
CA PHE A 45 -9.16 -4.91 -13.95
C PHE A 45 -8.14 -5.25 -15.03
N ASP A 46 -8.44 -4.83 -16.26
CA ASP A 46 -7.51 -5.06 -17.36
C ASP A 46 -6.21 -4.31 -17.10
N ASP A 47 -6.31 -3.11 -16.53
CA ASP A 47 -5.17 -2.23 -16.34
C ASP A 47 -4.50 -2.56 -15.01
N PRO A 48 -3.24 -3.02 -15.00
CA PRO A 48 -2.63 -3.47 -13.74
C PRO A 48 -2.35 -2.33 -12.78
N VAL A 49 -2.33 -1.07 -13.24
CA VAL A 49 -2.15 0.08 -12.35
C VAL A 49 -3.43 0.92 -12.38
N HIS A 50 -4.57 0.23 -12.49
CA HIS A 50 -5.85 0.92 -12.44
C HIS A 50 -5.96 1.81 -11.21
N ALA A 51 -5.38 1.38 -10.08
CA ALA A 51 -5.49 2.11 -8.83
C ALA A 51 -4.61 3.37 -8.76
N ALA A 52 -3.75 3.61 -9.73
CA ALA A 52 -2.67 4.59 -9.54
C ALA A 52 -3.21 6.01 -9.40
N ALA A 53 -2.66 6.75 -8.44
CA ALA A 53 -2.94 8.17 -8.31
C ALA A 53 -2.13 8.99 -9.30
N ASP A 54 -0.98 8.47 -9.74
CA ASP A 54 -0.15 9.12 -10.75
C ASP A 54 -0.04 8.17 -11.93
N PRO A 55 -0.86 8.32 -12.97
CA PRO A 55 -0.83 7.36 -14.08
C PRO A 55 0.38 7.48 -14.99
N ARG A 56 1.29 8.42 -14.74
CA ARG A 56 2.50 8.49 -15.56
C ARG A 56 3.44 7.33 -15.26
N VAL A 57 3.17 6.53 -14.24
CA VAL A 57 4.07 5.43 -13.93
C VAL A 57 4.20 4.53 -15.16
N ASP A 58 5.40 4.00 -15.35
CA ASP A 58 5.76 3.20 -16.53
C ASP A 58 5.94 1.75 -16.10
N VAL A 59 4.90 0.95 -16.29
CA VAL A 59 4.90 -0.44 -15.85
C VAL A 59 6.03 -1.23 -16.51
N GLU A 60 6.40 -0.88 -17.74
CA GLU A 60 7.43 -1.66 -18.42
C GLU A 60 8.81 -1.47 -17.82
N ARG A 61 9.00 -0.46 -16.97
CA ARG A 61 10.28 -0.25 -16.30
C ARG A 61 10.38 -0.98 -14.97
N ILE A 62 9.32 -1.62 -14.51
CA ILE A 62 9.37 -2.39 -13.27
C ILE A 62 10.32 -3.56 -13.43
N THR A 63 11.24 -3.70 -12.48
CA THR A 63 12.12 -4.86 -12.45
C THR A 63 12.16 -5.41 -11.04
N PRO A 64 12.31 -6.74 -10.90
CA PRO A 64 12.21 -7.74 -11.98
C PRO A 64 10.76 -7.85 -12.46
N ASP A 65 10.47 -8.75 -13.39
CA ASP A 65 9.11 -8.87 -13.89
C ASP A 65 8.13 -8.99 -12.72
N PRO A 66 7.14 -8.11 -12.61
CA PRO A 66 6.29 -8.12 -11.41
C PRO A 66 5.31 -9.29 -11.40
N VAL A 67 5.12 -9.84 -10.21
CA VAL A 67 4.00 -10.73 -9.93
C VAL A 67 2.93 -9.89 -9.26
N TRP A 68 1.82 -9.69 -9.97
CA TRP A 68 0.75 -8.83 -9.48
C TRP A 68 -0.12 -9.57 -8.48
N ARG A 69 -0.50 -8.87 -7.43
CA ARG A 69 -1.50 -9.34 -6.49
C ARG A 69 -2.84 -9.54 -7.21
N THR A 70 -3.47 -10.69 -6.96
CA THR A 70 -4.77 -11.00 -7.55
C THR A 70 -5.86 -11.14 -6.51
N THR A 71 -5.54 -11.03 -5.23
CA THR A 71 -6.54 -11.02 -4.18
C THR A 71 -7.03 -9.60 -3.94
N CYS A 72 -8.01 -9.48 -3.06
CA CYS A 72 -8.66 -8.18 -2.88
C CYS A 72 -9.07 -8.00 -1.44
N GLY A 73 -8.26 -8.51 -0.51
CA GLY A 73 -8.45 -8.22 0.89
C GLY A 73 -7.92 -6.84 1.26
N THR A 74 -8.29 -6.40 2.45
CA THR A 74 -7.80 -5.13 2.97
C THR A 74 -6.30 -5.17 3.09
N LEU A 75 -5.65 -4.11 2.63
CA LEU A 75 -4.23 -3.86 2.85
C LEU A 75 -4.06 -2.68 3.79
N TYR A 76 -2.84 -2.47 4.23
CA TYR A 76 -2.58 -1.48 5.27
C TYR A 76 -1.34 -0.69 4.90
N ARG A 77 -1.30 0.56 5.36
CA ARG A 77 -0.09 1.37 5.25
C ARG A 77 0.07 2.23 6.49
N SER A 78 1.22 2.05 7.15
CA SER A 78 1.68 2.93 8.21
C SER A 78 2.23 4.19 7.57
N ASP A 79 1.76 5.36 7.99
CA ASP A 79 2.23 6.61 7.41
C ASP A 79 2.11 7.71 8.46
N SER A 80 3.11 8.56 8.52
CA SER A 80 3.03 9.74 9.38
C SER A 80 2.16 10.86 8.81
N ARG A 81 1.86 10.81 7.50
CA ARG A 81 1.06 11.86 6.88
C ARG A 81 -0.38 11.73 7.33
N GLY A 82 -1.03 12.86 7.52
CA GLY A 82 -2.31 12.90 8.18
C GLY A 82 -3.46 12.65 7.22
N PRO A 83 -4.61 12.24 7.76
CA PRO A 83 -5.74 11.88 6.88
C PRO A 83 -6.31 13.03 6.09
N ALA A 84 -6.25 14.27 6.61
CA ALA A 84 -6.71 15.40 5.82
C ALA A 84 -6.00 15.41 4.47
N VAL A 85 -4.72 15.08 4.46
CA VAL A 85 -3.93 15.09 3.23
C VAL A 85 -4.19 13.84 2.41
N VAL A 86 -4.15 12.67 3.04
CA VAL A 86 -4.28 11.40 2.32
C VAL A 86 -5.69 11.27 1.72
N PHE A 87 -6.70 11.65 2.48
CA PHE A 87 -8.04 11.53 1.93
C PHE A 87 -8.27 12.45 0.74
N GLU A 88 -7.58 13.60 0.71
CA GLU A 88 -7.73 14.49 -0.44
C GLU A 88 -6.94 13.99 -1.65
N GLN A 89 -5.68 13.57 -1.45
CA GLN A 89 -4.75 13.29 -2.54
C GLN A 89 -4.64 11.83 -2.93
N GLY A 90 -5.04 10.93 -2.04
CA GLY A 90 -4.61 9.56 -2.09
C GLY A 90 -3.15 9.46 -1.63
N PHE A 91 -2.55 8.30 -1.93
CA PHE A 91 -1.11 8.09 -1.71
C PHE A 91 -0.35 8.34 -3.01
N LEU A 92 0.49 9.37 -3.00
CA LEU A 92 1.30 9.64 -4.18
C LEU A 92 2.71 9.10 -3.98
N PRO A 93 3.31 8.53 -5.01
CA PRO A 93 4.70 8.09 -4.90
C PRO A 93 5.65 9.27 -4.94
N LYS A 94 6.85 9.03 -4.42
CA LYS A 94 7.86 10.09 -4.37
C LYS A 94 8.32 10.50 -5.78
N ASP A 95 8.60 9.54 -6.68
CA ASP A 95 9.17 9.90 -7.98
C ASP A 95 8.84 8.84 -9.04
N VAL A 96 7.76 9.08 -9.79
CA VAL A 96 7.39 8.19 -10.90
C VAL A 96 8.31 8.36 -12.10
N ILE A 97 9.03 9.47 -12.20
CA ILE A 97 9.80 9.78 -13.40
C ILE A 97 11.19 9.17 -13.28
N ASP A 98 11.94 9.57 -12.25
CA ASP A 98 13.34 9.19 -12.10
C ASP A 98 13.58 8.32 -10.88
N GLY A 99 12.54 7.86 -10.21
CA GLY A 99 12.70 7.06 -9.02
C GLY A 99 13.25 5.67 -9.33
N GLN A 100 13.46 4.91 -8.26
CA GLN A 100 14.03 3.56 -8.31
C GLN A 100 12.92 2.57 -8.67
N TYR A 101 12.91 2.13 -9.93
CA TYR A 101 11.94 1.15 -10.40
C TYR A 101 12.32 -0.28 -10.03
N ASP A 102 13.56 -0.55 -9.62
CA ASP A 102 13.91 -1.91 -9.23
C ASP A 102 13.41 -2.19 -7.81
N ILE A 103 12.55 -3.20 -7.69
CA ILE A 103 11.86 -3.46 -6.43
C ILE A 103 12.85 -3.88 -5.35
N GLU A 104 13.77 -4.79 -5.69
CA GLU A 104 14.73 -5.25 -4.69
C GLU A 104 15.56 -4.08 -4.16
N SER A 105 15.96 -3.18 -5.06
CA SER A 105 16.75 -2.02 -4.65
C SER A 105 15.96 -1.12 -3.71
N TYR A 106 14.69 -0.85 -4.07
CA TYR A 106 13.80 0.00 -3.27
C TYR A 106 13.58 -0.58 -1.87
N VAL A 107 13.36 -1.89 -1.81
CA VAL A 107 13.06 -2.56 -0.56
C VAL A 107 14.29 -2.55 0.36
N LEU A 108 15.47 -2.77 -0.22
CA LEU A 108 16.67 -2.91 0.59
C LEU A 108 17.26 -1.57 1.02
N VAL A 109 17.18 -0.58 0.14
CA VAL A 109 17.85 0.71 0.34
C VAL A 109 16.83 1.78 0.04
N ASN A 110 16.21 2.34 1.06
CA ASN A 110 15.08 3.21 0.79
C ASN A 110 15.57 4.39 -0.03
N GLN A 111 14.88 4.64 -1.14
CA GLN A 111 15.22 5.70 -2.07
C GLN A 111 13.94 6.09 -2.78
N PRO A 112 13.85 7.31 -3.30
CA PRO A 112 12.60 7.72 -3.96
C PRO A 112 12.29 6.79 -5.12
N SER A 113 11.02 6.42 -5.21
CA SER A 113 10.59 5.38 -6.12
C SER A 113 9.21 5.72 -6.67
N PRO A 114 8.78 5.01 -7.71
CA PRO A 114 7.41 5.16 -8.22
C PRO A 114 6.37 4.39 -7.44
N TYR A 115 6.76 3.74 -6.35
CA TYR A 115 5.90 2.82 -5.62
C TYR A 115 5.39 3.45 -4.33
N VAL A 116 4.15 3.14 -3.98
CA VAL A 116 3.67 3.32 -2.61
C VAL A 116 3.57 1.95 -1.96
N SER A 117 4.28 1.79 -0.83
CA SER A 117 4.32 0.52 -0.13
C SER A 117 3.11 0.35 0.78
N THR A 118 2.54 -0.85 0.73
CA THR A 118 1.49 -1.30 1.64
C THR A 118 1.86 -2.70 2.12
N THR A 119 1.07 -3.23 3.04
CA THR A 119 1.31 -4.55 3.60
C THR A 119 0.00 -5.33 3.74
N TYR A 120 0.15 -6.65 3.64
CA TYR A 120 -0.94 -7.56 3.99
C TYR A 120 -1.22 -7.59 5.49
N ASP A 121 -0.27 -7.12 6.32
CA ASP A 121 -0.28 -7.32 7.75
C ASP A 121 -0.87 -6.11 8.47
N HIS A 122 -2.07 -6.30 9.03
CA HIS A 122 -2.73 -5.25 9.79
C HIS A 122 -1.84 -4.66 10.88
N ASP A 123 -1.02 -5.49 11.51
CA ASP A 123 -0.22 -5.12 12.67
C ASP A 123 1.18 -4.58 12.35
N LEU A 124 1.56 -4.43 11.07
CA LEU A 124 2.92 -4.00 10.79
C LEU A 124 3.17 -2.60 11.33
N TYR A 125 2.11 -1.81 11.52
CA TYR A 125 2.29 -0.48 12.12
C TYR A 125 3.02 -0.51 13.45
N LYS A 126 2.94 -1.63 14.18
CA LYS A 126 3.64 -1.73 15.46
C LYS A 126 5.15 -1.70 15.32
N THR A 127 5.67 -1.91 14.11
CA THR A 127 7.11 -1.91 13.89
C THR A 127 7.63 -0.56 13.45
N TRP A 128 6.73 0.37 13.06
CA TRP A 128 7.13 1.69 12.56
C TRP A 128 7.01 2.67 13.72
N TYR A 129 8.14 3.19 14.16
CA TYR A 129 8.11 4.14 15.25
C TYR A 129 7.82 5.54 14.72
N LYS A 130 7.06 6.29 15.50
CA LYS A 130 6.46 7.55 15.08
C LYS A 130 5.57 7.40 13.83
N SER A 131 5.14 6.15 13.59
N SER A 131 5.04 6.32 13.30
CA SER A 131 4.18 5.74 12.56
CA SER A 131 4.30 6.49 12.07
C SER A 131 3.07 6.76 12.39
C SER A 131 2.88 6.94 12.27
N GLY A 132 2.40 7.04 13.48
CA GLY A 132 1.28 7.97 13.57
C GLY A 132 -0.09 7.45 13.14
N TYR A 133 -0.17 6.81 11.98
CA TYR A 133 -1.45 6.35 11.45
C TYR A 133 -1.32 4.98 10.80
N ASN A 134 -2.37 4.17 10.94
CA ASN A 134 -2.50 2.90 10.23
C ASN A 134 -3.67 3.06 9.25
N TYR A 135 -3.36 3.20 7.98
CA TYR A 135 -4.36 3.33 6.93
C TYR A 135 -4.84 1.97 6.43
N TYR A 136 -6.13 1.92 6.12
CA TYR A 136 -6.84 0.76 5.63
C TYR A 136 -7.17 0.99 4.16
N ILE A 137 -6.79 0.03 3.30
CA ILE A 137 -6.80 0.20 1.86
C ILE A 137 -7.55 -0.95 1.20
N ASP A 138 -8.42 -0.63 0.24
CA ASP A 138 -9.15 -1.65 -0.52
C ASP A 138 -8.96 -1.29 -1.97
N ALA A 139 -7.88 -1.80 -2.58
CA ALA A 139 -7.46 -1.39 -3.91
C ALA A 139 -7.12 -2.62 -4.73
N PRO A 140 -7.41 -2.59 -6.04
CA PRO A 140 -7.05 -3.71 -6.91
C PRO A 140 -5.58 -3.67 -7.24
N GLY A 141 -4.99 -4.85 -7.41
CA GLY A 141 -3.67 -4.93 -8.00
C GLY A 141 -2.54 -4.74 -7.00
N GLY A 142 -1.52 -4.00 -7.41
CA GLY A 142 -0.28 -3.93 -6.66
C GLY A 142 0.66 -5.07 -6.99
N VAL A 143 1.95 -4.81 -6.83
CA VAL A 143 2.97 -5.82 -7.03
C VAL A 143 3.22 -6.53 -5.71
N ASP A 144 3.04 -7.85 -5.70
CA ASP A 144 3.31 -8.63 -4.48
C ASP A 144 4.82 -8.80 -4.38
N VAL A 145 5.42 -8.13 -3.40
CA VAL A 145 6.88 -8.05 -3.36
C VAL A 145 7.49 -9.43 -3.18
N ASN A 146 7.01 -10.18 -2.18
CA ASN A 146 7.66 -11.47 -1.91
C ASN A 146 7.47 -12.46 -3.04
N LYS A 147 6.35 -12.38 -3.78
CA LYS A 147 6.19 -13.24 -4.95
C LYS A 147 7.09 -12.81 -6.11
N THR A 148 7.47 -11.53 -6.13
CA THR A 148 8.31 -10.99 -7.18
C THR A 148 9.80 -11.16 -6.90
N ILE A 149 10.27 -10.92 -5.67
CA ILE A 149 11.69 -11.01 -5.36
C ILE A 149 12.01 -12.14 -4.38
N GLY A 150 11.03 -12.97 -4.03
CA GLY A 150 11.25 -14.04 -3.08
C GLY A 150 10.93 -13.65 -1.65
N ASP A 151 10.88 -14.66 -0.78
CA ASP A 151 10.51 -14.44 0.62
C ASP A 151 11.67 -14.67 1.58
N ARG A 152 12.91 -14.57 1.07
CA ARG A 152 14.09 -14.82 1.88
C ARG A 152 14.91 -13.54 2.11
N HIS A 153 14.50 -12.43 1.52
CA HIS A 153 15.25 -11.19 1.74
C HIS A 153 14.97 -10.63 3.13
N LYS A 154 15.77 -9.63 3.49
CA LYS A 154 15.81 -9.14 4.86
C LYS A 154 14.44 -8.68 5.33
N TRP A 155 13.63 -8.13 4.43
CA TRP A 155 12.39 -7.48 4.82
C TRP A 155 11.16 -8.29 4.42
N ALA A 156 11.33 -9.60 4.22
CA ALA A 156 10.21 -10.42 3.78
C ALA A 156 9.07 -10.39 4.78
N ASP A 157 9.38 -10.25 6.07
CA ASP A 157 8.28 -10.24 7.04
CA ASP A 157 8.40 -10.13 7.16
C ASP A 157 7.43 -8.97 6.98
N GLN A 158 7.71 -8.03 6.07
CA GLN A 158 6.85 -6.89 5.85
C GLN A 158 5.68 -7.22 4.94
N VAL A 159 5.73 -8.40 4.30
CA VAL A 159 4.70 -8.93 3.39
C VAL A 159 4.08 -7.79 2.60
N GLU A 160 4.94 -7.15 1.82
CA GLU A 160 4.65 -5.89 1.17
C GLU A 160 3.93 -6.09 -0.15
N VAL A 161 3.03 -5.16 -0.46
CA VAL A 161 2.44 -4.98 -1.78
C VAL A 161 2.79 -3.56 -2.21
N ALA A 162 3.45 -3.43 -3.35
CA ALA A 162 3.94 -2.15 -3.82
C ALA A 162 3.06 -1.65 -4.96
N PHE A 163 2.52 -0.43 -4.81
CA PHE A 163 1.58 0.08 -5.80
C PHE A 163 2.28 1.05 -6.73
N PRO A 164 2.59 0.65 -7.98
CA PRO A 164 3.22 1.59 -8.92
C PRO A 164 2.26 2.71 -9.28
N GLY A 165 2.71 3.94 -9.09
CA GLY A 165 1.87 5.11 -9.29
C GLY A 165 0.99 5.44 -8.11
N GLY A 166 1.15 4.76 -7.01
CA GLY A 166 0.37 5.06 -5.81
C GLY A 166 -1.06 4.56 -5.89
N ILE A 167 -1.91 5.23 -5.12
CA ILE A 167 -3.26 4.73 -4.82
C ILE A 167 -4.22 5.90 -4.73
N ARG A 168 -5.24 5.93 -5.60
CA ARG A 168 -6.23 7.00 -5.57
C ARG A 168 -7.03 6.96 -4.26
N THR A 169 -7.55 8.12 -3.87
CA THR A 169 -8.24 8.22 -2.59
C THR A 169 -9.48 7.32 -2.55
N GLU A 170 -10.10 7.05 -3.70
CA GLU A 170 -11.30 6.19 -3.72
C GLU A 170 -11.00 4.77 -3.23
N PHE A 171 -9.73 4.37 -3.15
CA PHE A 171 -9.35 3.03 -2.68
C PHE A 171 -8.82 3.05 -1.26
N VAL A 172 -8.83 4.19 -0.59
CA VAL A 172 -8.42 4.28 0.81
C VAL A 172 -9.68 4.25 1.65
N ILE A 173 -9.83 3.17 2.44
CA ILE A 173 -11.03 3.00 3.25
C ILE A 173 -11.10 4.06 4.35
N GLY A 174 -9.99 4.28 5.05
CA GLY A 174 -10.03 5.03 6.30
C GLY A 174 -8.71 4.86 7.02
N VAL A 175 -8.70 5.22 8.30
CA VAL A 175 -7.45 5.28 9.05
C VAL A 175 -7.76 5.15 10.53
N CYS A 176 -6.82 4.57 11.27
CA CYS A 176 -6.81 4.65 12.71
C CYS A 176 -5.52 5.29 13.17
N PRO A 177 -5.58 6.29 14.04
CA PRO A 177 -4.36 6.84 14.66
C PRO A 177 -3.74 5.82 15.60
N VAL A 178 -2.43 5.93 15.78
CA VAL A 178 -1.65 4.99 16.58
C VAL A 178 -1.13 5.68 17.82
N ASP A 179 -1.37 5.07 18.98
CA ASP A 179 -0.78 5.55 20.22
C ASP A 179 0.68 5.11 20.28
N LYS A 180 1.58 6.09 20.28
CA LYS A 180 3.00 5.80 20.17
C LYS A 180 3.52 4.93 21.32
N LYS A 181 3.10 5.21 22.56
CA LYS A 181 3.78 4.57 23.70
C LYS A 181 3.43 3.08 23.82
N THR A 182 2.22 2.69 23.41
CA THR A 182 1.78 1.29 23.47
C THR A 182 1.76 0.61 22.11
N ARG A 183 1.95 1.36 21.02
CA ARG A 183 1.91 0.81 19.66
C ARG A 183 0.57 0.12 19.42
N THR A 184 -0.49 0.83 19.75
CA THR A 184 -1.86 0.34 19.55
C THR A 184 -2.67 1.36 18.76
N GLU A 185 -3.75 0.89 18.15
CA GLU A 185 -4.66 1.79 17.46
C GLU A 185 -5.62 2.45 18.44
N LYS A 186 -5.86 3.75 18.24
CA LYS A 186 -6.83 4.50 19.04
C LYS A 186 -8.18 4.33 18.34
N MET A 187 -8.88 3.25 18.67
CA MET A 187 -9.96 2.83 17.78
C MET A 187 -11.18 3.74 17.83
N SER A 188 -11.40 4.49 18.92
CA SER A 188 -12.47 5.48 18.92
C SER A 188 -12.14 6.71 18.10
N GLU A 189 -10.91 6.80 17.57
CA GLU A 189 -10.50 7.92 16.74
C GLU A 189 -10.26 7.50 15.29
N CYS A 190 -10.62 6.27 14.90
CA CYS A 190 -10.56 5.90 13.49
C CYS A 190 -11.55 6.76 12.72
N VAL A 191 -11.22 7.06 11.47
CA VAL A 191 -12.11 7.86 10.63
C VAL A 191 -12.21 7.20 9.26
N GLY A 192 -13.43 7.14 8.72
CA GLY A 192 -13.59 6.70 7.36
C GLY A 192 -13.33 7.81 6.36
N ASN A 193 -12.80 7.40 5.20
CA ASN A 193 -12.54 8.32 4.11
C ASN A 193 -13.83 8.59 3.37
N PRO A 194 -14.33 9.83 3.32
CA PRO A 194 -15.58 10.08 2.59
C PRO A 194 -15.50 9.76 1.11
N HIS A 195 -14.30 9.67 0.56
CA HIS A 195 -14.11 9.40 -0.86
C HIS A 195 -14.01 7.91 -1.18
N TYR A 196 -14.01 7.04 -0.18
CA TYR A 196 -13.92 5.60 -0.42
C TYR A 196 -15.10 5.14 -1.25
N GLU A 197 -14.80 4.39 -2.32
CA GLU A 197 -15.82 3.83 -3.20
C GLU A 197 -15.70 2.32 -3.25
N PRO A 198 -16.51 1.58 -2.49
CA PRO A 198 -16.51 0.13 -2.60
C PRO A 198 -16.68 -0.32 -4.04
N TRP A 199 -15.97 -1.38 -4.40
CA TRP A 199 -15.96 -1.91 -5.76
C TRP A 199 -16.09 -3.42 -5.81
N HIS A 200 -16.21 -4.08 -4.67
CA HIS A 200 -16.52 -5.52 -4.65
C HIS A 200 -17.10 -5.90 -3.29
#